data_8UN9
#
_entry.id   8UN9
#
_cell.length_a   72.874
_cell.length_b   37.928
_cell.length_c   92.616
_cell.angle_alpha   90.000
_cell.angle_beta   99.147
_cell.angle_gamma   90.000
#
_symmetry.space_group_name_H-M   'P 1 21 1'
#
loop_
_entity.id
_entity.type
_entity.pdbx_description
1 polymer 'Exonuclease MrfB'
2 non-polymer 'MAGNESIUM ION'
3 water water
#
_entity_poly.entity_id   1
_entity_poly.type   'polypeptide(L)'
_entity_poly.pdbx_seq_one_letter_code
;DDIPFLEEWEAFGMKPFIFEDEYCLIREVEYPLSHRHGLYSFSELEEVITLWNQSGLSHTLSAKGYNKNNLFFFDTETTG
LGGGAGNTIFLLGHARVYEDRVTVKQHLLPKPGNEVALYQSFLSEVDITSLVTYNGKAFDWPQVKTRHTLIRDRLPKLPE
FGHFDLLHGARRLWKHKMDRVSLGTVEKEELGIRRLEDTPGYLAPMLYFHFIKAQEPDLLKGVLHHNEMDVLSLISLYIH
MSKKILS
;
_entity_poly.pdbx_strand_id   A,B
#
# COMPACT_ATOMS: atom_id res chain seq x y z
N ASP A 2 23.01 -25.69 -4.26
CA ASP A 2 23.87 -24.51 -3.95
C ASP A 2 23.43 -23.91 -2.62
N ILE A 3 22.23 -23.31 -2.59
CA ILE A 3 21.72 -22.64 -1.41
C ILE A 3 21.12 -23.68 -0.47
N PRO A 4 21.71 -23.91 0.73
CA PRO A 4 21.24 -24.96 1.64
C PRO A 4 20.00 -24.61 2.47
N PHE A 5 19.28 -25.66 2.90
CA PHE A 5 18.23 -25.56 3.90
C PHE A 5 17.07 -24.68 3.43
N LEU A 6 16.87 -24.61 2.12
CA LEU A 6 15.93 -23.68 1.53
C LEU A 6 14.50 -24.07 1.89
N GLU A 7 14.22 -25.38 1.94
CA GLU A 7 12.91 -25.87 2.37
C GLU A 7 12.65 -25.49 3.82
N GLU A 8 13.63 -25.77 4.71
CA GLU A 8 13.49 -25.45 6.13
C GLU A 8 13.31 -23.94 6.36
N TRP A 9 13.99 -23.12 5.55
CA TRP A 9 13.86 -21.68 5.68
C TRP A 9 12.44 -21.24 5.30
N GLU A 10 11.85 -21.89 4.28
CA GLU A 10 10.58 -21.46 3.74
C GLU A 10 9.46 -21.67 4.76
N ALA A 11 9.55 -22.71 5.59
CA ALA A 11 8.59 -22.95 6.67
C ALA A 11 8.63 -21.80 7.69
N PHE A 12 9.76 -21.11 7.77
CA PHE A 12 9.94 -20.02 8.72
C PHE A 12 9.55 -18.68 8.07
N GLY A 13 9.10 -18.71 6.81
CA GLY A 13 8.74 -17.49 6.09
C GLY A 13 9.93 -16.77 5.45
N MET A 14 11.07 -17.46 5.31
CA MET A 14 12.31 -16.90 4.76
C MET A 14 12.50 -17.42 3.34
N LYS A 15 12.66 -16.52 2.37
CA LYS A 15 12.94 -16.91 0.99
C LYS A 15 14.19 -16.18 0.49
N PRO A 16 14.93 -16.74 -0.48
CA PRO A 16 16.12 -16.09 -1.02
C PRO A 16 15.81 -14.99 -2.03
N PHE A 17 16.63 -13.94 -2.00
CA PHE A 17 16.66 -12.90 -3.00
C PHE A 17 17.99 -13.05 -3.72
N ILE A 18 17.95 -13.34 -5.03
CA ILE A 18 19.16 -13.61 -5.80
C ILE A 18 19.53 -12.35 -6.57
N PHE A 19 20.81 -11.97 -6.57
CA PHE A 19 21.28 -10.80 -7.28
C PHE A 19 22.79 -10.89 -7.54
N GLU A 20 23.22 -10.72 -8.81
CA GLU A 20 24.63 -10.61 -9.17
C GLU A 20 25.49 -11.73 -8.60
N ASP A 21 25.03 -12.99 -8.70
CA ASP A 21 25.78 -14.13 -8.19
C ASP A 21 25.86 -14.12 -6.66
N GLU A 22 25.05 -13.29 -5.99
CA GLU A 22 24.98 -13.27 -4.54
C GLU A 22 23.53 -13.53 -4.12
N TYR A 23 23.30 -13.71 -2.82
CA TYR A 23 21.93 -13.73 -2.34
C TYR A 23 21.84 -13.24 -0.90
N CYS A 24 20.63 -12.84 -0.54
CA CYS A 24 20.29 -12.66 0.87
C CYS A 24 18.96 -13.35 1.15
N LEU A 25 18.65 -13.53 2.43
CA LEU A 25 17.45 -14.22 2.85
C LEU A 25 16.45 -13.21 3.41
N ILE A 26 15.20 -13.32 2.96
CA ILE A 26 14.22 -12.31 3.32
C ILE A 26 13.02 -12.99 3.99
N ARG A 27 12.66 -12.44 5.15
CA ARG A 27 11.51 -12.90 5.91
C ARG A 27 10.49 -11.76 5.99
N GLU A 28 9.21 -12.12 5.87
CA GLU A 28 8.13 -11.17 5.96
C GLU A 28 7.02 -11.71 6.87
N VAL A 29 6.63 -10.92 7.88
CA VAL A 29 5.52 -11.27 8.76
C VAL A 29 4.49 -10.12 8.73
N GLU A 30 3.22 -10.44 8.80
CA GLU A 30 2.19 -9.42 8.89
C GLU A 30 1.43 -9.50 10.20
N TYR A 31 1.10 -8.32 10.76
CA TYR A 31 0.26 -8.23 11.93
C TYR A 31 -0.95 -7.36 11.62
N PRO A 32 -2.15 -7.66 12.21
CA PRO A 32 -3.29 -6.75 12.14
C PRO A 32 -2.97 -5.44 12.89
N LEU A 33 -3.63 -4.34 12.47
CA LEU A 33 -3.48 -3.06 13.14
C LEU A 33 -4.03 -3.11 14.56
N SER A 34 -4.91 -4.07 14.84
CA SER A 34 -5.54 -4.21 16.16
C SER A 34 -4.62 -4.93 17.14
N HIS A 35 -3.51 -5.50 16.66
CA HIS A 35 -2.58 -6.24 17.52
C HIS A 35 -2.04 -5.32 18.62
N ARG A 36 -2.09 -5.78 19.87
CA ARG A 36 -1.58 -5.02 21.00
C ARG A 36 -0.16 -5.50 21.28
N HIS A 37 0.79 -4.57 21.27
CA HIS A 37 2.17 -4.91 21.61
C HIS A 37 2.52 -4.08 22.84
N GLY A 38 2.39 -4.70 24.02
CA GLY A 38 2.37 -3.94 25.26
C GLY A 38 1.11 -3.09 25.41
N LEU A 39 1.28 -1.81 25.83
CA LEU A 39 0.18 -0.97 26.25
C LEU A 39 -0.64 -0.55 25.04
N TYR A 40 -0.03 -0.54 23.86
CA TYR A 40 -0.59 0.17 22.73
C TYR A 40 -0.86 -0.80 21.60
N SER A 41 -1.97 -0.58 20.88
CA SER A 41 -2.18 -1.23 19.60
C SER A 41 -1.56 -0.37 18.52
N PHE A 42 -1.15 -1.01 17.42
CA PHE A 42 -0.48 -0.29 16.36
C PHE A 42 -1.39 0.74 15.69
N SER A 43 -2.71 0.63 15.90
CA SER A 43 -3.64 1.59 15.32
C SER A 43 -3.52 2.96 16.00
N GLU A 44 -2.88 3.04 17.18
CA GLU A 44 -2.69 4.31 17.86
C GLU A 44 -1.60 5.12 17.18
N LEU A 45 -0.82 4.50 16.27
CA LEU A 45 0.19 5.28 15.59
C LEU A 45 -0.48 6.42 14.82
N GLU A 46 -1.60 6.10 14.15
CA GLU A 46 -2.28 7.05 13.28
C GLU A 46 -2.63 8.30 14.07
N GLU A 47 -3.18 8.11 15.27
CA GLU A 47 -3.58 9.22 16.13
C GLU A 47 -2.37 10.12 16.44
N VAL A 48 -1.20 9.55 16.77
CA VAL A 48 -0.08 10.37 17.18
C VAL A 48 0.50 11.10 15.98
N ILE A 49 0.46 10.50 14.79
CA ILE A 49 0.94 11.19 13.59
C ILE A 49 0.05 12.41 13.30
N THR A 50 -1.26 12.26 13.51
CA THR A 50 -2.19 13.36 13.32
C THR A 50 -1.84 14.48 14.31
N LEU A 51 -1.66 14.12 15.60
CA LEU A 51 -1.41 15.11 16.63
C LEU A 51 -0.09 15.84 16.35
N TRP A 52 0.95 15.11 15.88
CA TRP A 52 2.21 15.74 15.51
C TRP A 52 1.99 16.77 14.41
N ASN A 53 1.19 16.41 13.40
CA ASN A 53 0.97 17.31 12.28
C ASN A 53 0.16 18.53 12.72
N GLN A 54 -0.54 18.44 13.85
CA GLN A 54 -1.30 19.58 14.37
C GLN A 54 -0.50 20.38 15.40
N SER A 55 0.73 19.95 15.70
CA SER A 55 1.56 20.53 16.73
C SER A 55 2.50 21.57 16.13
N GLY A 56 2.63 22.70 16.83
CA GLY A 56 3.67 23.68 16.54
C GLY A 56 4.99 23.43 17.30
N LEU A 57 5.14 22.26 17.93
CA LEU A 57 6.35 21.94 18.68
C LEU A 57 7.46 21.44 17.77
N SER A 58 8.62 22.07 17.88
CA SER A 58 9.83 21.60 17.23
C SER A 58 10.46 20.51 18.11
N HIS A 59 10.54 19.28 17.60
CA HIS A 59 11.09 18.16 18.33
C HIS A 59 11.69 17.13 17.37
N THR A 60 12.75 16.43 17.83
CA THR A 60 13.44 15.45 17.00
C THR A 60 12.49 14.36 16.53
N LEU A 61 11.50 14.00 17.36
CA LEU A 61 10.51 12.99 17.03
C LEU A 61 9.27 13.53 16.30
N SER A 62 9.21 14.82 15.95
CA SER A 62 8.02 15.31 15.27
C SER A 62 7.83 14.61 13.92
N ALA A 63 6.61 14.07 13.74
CA ALA A 63 6.16 13.47 12.49
C ALA A 63 5.43 14.51 11.65
N LYS A 64 5.65 15.82 11.93
CA LYS A 64 5.06 16.85 11.12
C LYS A 64 5.62 16.76 9.71
N GLY A 65 4.72 16.70 8.72
CA GLY A 65 5.08 16.56 7.31
C GLY A 65 5.24 15.10 6.87
N TYR A 66 5.07 14.14 7.80
CA TYR A 66 5.13 12.71 7.49
C TYR A 66 3.76 12.06 7.60
N ASN A 67 3.57 10.98 6.84
CA ASN A 67 2.42 10.08 6.95
C ASN A 67 2.95 8.84 7.66
N LYS A 68 2.05 8.04 8.25
CA LYS A 68 2.48 6.92 9.08
C LYS A 68 3.31 5.93 8.26
N ASN A 69 3.07 5.88 6.93
CA ASN A 69 3.75 4.94 6.04
C ASN A 69 5.19 5.35 5.74
N ASN A 70 5.50 6.63 5.96
CA ASN A 70 6.83 7.14 5.69
C ASN A 70 7.81 6.63 6.75
N LEU A 71 7.32 6.19 7.92
CA LEU A 71 8.18 5.81 9.03
C LEU A 71 8.58 4.33 8.95
N PHE A 72 9.91 4.11 8.95
CA PHE A 72 10.49 2.79 8.97
C PHE A 72 11.12 2.53 10.34
N PHE A 73 10.48 1.65 11.11
CA PHE A 73 10.94 1.29 12.44
C PHE A 73 12.03 0.23 12.30
N PHE A 74 13.28 0.63 12.58
CA PHE A 74 14.46 -0.07 12.07
C PHE A 74 15.32 -0.54 13.24
N ASP A 75 15.73 -1.82 13.20
CA ASP A 75 16.65 -2.36 14.20
C ASP A 75 17.54 -3.41 13.56
N THR A 76 18.80 -3.50 14.01
CA THR A 76 19.82 -4.33 13.39
C THR A 76 20.44 -5.25 14.42
N GLU A 77 20.98 -6.39 13.97
CA GLU A 77 21.86 -7.18 14.80
C GLU A 77 23.22 -7.23 14.10
N THR A 78 24.28 -7.35 14.90
CA THR A 78 25.66 -7.24 14.44
C THR A 78 26.48 -8.40 14.95
N THR A 79 27.70 -8.55 14.40
CA THR A 79 28.60 -9.62 14.81
C THR A 79 29.94 -9.04 15.27
N ASN A 87 33.29 -5.48 13.42
CA ASN A 87 31.87 -5.44 13.89
C ASN A 87 31.00 -4.83 12.80
N THR A 88 29.99 -5.60 12.33
CA THR A 88 29.17 -5.21 11.19
C THR A 88 27.78 -5.86 11.22
N ILE A 89 26.82 -5.14 10.62
CA ILE A 89 25.44 -5.57 10.54
C ILE A 89 25.37 -6.87 9.74
N PHE A 90 24.61 -7.86 10.21
CA PHE A 90 24.27 -9.04 9.43
C PHE A 90 22.75 -9.22 9.31
N LEU A 91 21.97 -8.50 10.14
CA LEU A 91 20.52 -8.58 10.04
C LEU A 91 19.94 -7.17 10.06
N LEU A 92 19.16 -6.84 9.02
CA LEU A 92 18.41 -5.60 8.92
C LEU A 92 16.94 -5.90 9.11
N GLY A 93 16.32 -5.39 10.18
CA GLY A 93 14.91 -5.59 10.39
C GLY A 93 14.16 -4.26 10.33
N HIS A 94 12.97 -4.26 9.71
CA HIS A 94 12.13 -3.07 9.77
C HIS A 94 10.65 -3.42 9.79
N ALA A 95 9.89 -2.54 10.43
CA ALA A 95 8.44 -2.63 10.42
C ALA A 95 7.90 -1.34 9.81
N ARG A 96 6.73 -1.50 9.20
CA ARG A 96 6.04 -0.38 8.57
C ARG A 96 4.56 -0.55 8.81
N VAL A 97 3.87 0.55 9.13
CA VAL A 97 2.46 0.49 9.49
C VAL A 97 1.63 1.04 8.33
N TYR A 98 0.70 0.21 7.82
CA TYR A 98 -0.19 0.58 6.71
C TYR A 98 -1.64 0.61 7.22
N GLU A 99 -2.58 0.79 6.29
CA GLU A 99 -3.95 1.10 6.66
C GLU A 99 -4.62 -0.10 7.32
N ASP A 100 -4.22 -1.32 6.97
CA ASP A 100 -4.90 -2.51 7.47
C ASP A 100 -3.99 -3.40 8.31
N ARG A 101 -2.69 -3.06 8.39
CA ARG A 101 -1.71 -4.02 8.90
C ARG A 101 -0.35 -3.39 9.17
N VAL A 102 0.47 -4.15 9.90
CA VAL A 102 1.87 -3.82 10.09
C VAL A 102 2.70 -4.90 9.40
N THR A 103 3.71 -4.49 8.62
CA THR A 103 4.58 -5.46 7.97
C THR A 103 5.96 -5.39 8.58
N VAL A 104 6.45 -6.54 9.05
CA VAL A 104 7.83 -6.73 9.44
C VAL A 104 8.59 -7.45 8.34
N LYS A 105 9.73 -6.88 7.98
CA LYS A 105 10.60 -7.44 6.95
C LYS A 105 12.02 -7.46 7.49
N GLN A 106 12.69 -8.60 7.30
CA GLN A 106 14.05 -8.84 7.73
C GLN A 106 14.88 -9.27 6.53
N HIS A 107 16.07 -8.63 6.39
CA HIS A 107 17.06 -8.98 5.40
C HIS A 107 18.27 -9.56 6.12
N LEU A 108 18.51 -10.86 5.91
CA LEU A 108 19.58 -11.61 6.55
C LEU A 108 20.71 -11.86 5.57
N LEU A 109 21.92 -11.41 5.93
CA LEU A 109 23.12 -11.74 5.19
C LEU A 109 23.48 -13.20 5.47
N PRO A 110 23.49 -14.10 4.48
CA PRO A 110 23.78 -15.51 4.72
C PRO A 110 25.23 -15.80 5.13
N LYS A 111 26.16 -15.03 4.53
CA LYS A 111 27.55 -14.98 4.95
C LYS A 111 28.24 -13.80 4.26
N PRO A 112 29.39 -13.31 4.78
CA PRO A 112 30.18 -12.28 4.09
C PRO A 112 30.33 -12.57 2.61
N GLY A 113 30.33 -11.52 1.79
CA GLY A 113 30.40 -11.67 0.35
C GLY A 113 29.03 -11.57 -0.33
N ASN A 114 27.97 -11.35 0.44
CA ASN A 114 26.64 -11.26 -0.12
C ASN A 114 26.05 -9.86 0.07
N GLU A 115 26.93 -8.87 0.24
CA GLU A 115 26.49 -7.55 0.67
C GLU A 115 25.78 -6.81 -0.47
N VAL A 116 26.11 -7.10 -1.73
CA VAL A 116 25.46 -6.42 -2.85
C VAL A 116 23.98 -6.79 -2.87
N ALA A 117 23.68 -8.09 -2.76
CA ALA A 117 22.32 -8.60 -2.70
C ALA A 117 21.54 -8.02 -1.53
N LEU A 118 22.18 -7.97 -0.35
CA LEU A 118 21.58 -7.40 0.87
C LEU A 118 21.17 -5.94 0.65
N TYR A 119 22.11 -5.12 0.18
CA TYR A 119 21.85 -3.70 -0.04
C TYR A 119 20.85 -3.50 -1.16
N GLN A 120 20.88 -4.34 -2.21
CA GLN A 120 19.95 -4.19 -3.31
C GLN A 120 18.53 -4.40 -2.78
N SER A 121 18.32 -5.46 -2.00
CA SER A 121 17.00 -5.74 -1.44
C SER A 121 16.61 -4.66 -0.42
N PHE A 122 17.52 -4.25 0.48
CA PHE A 122 17.15 -3.33 1.55
C PHE A 122 16.88 -1.92 1.03
N LEU A 123 17.80 -1.38 0.22
CA LEU A 123 17.74 -0.01 -0.25
C LEU A 123 16.66 0.19 -1.31
N SER A 124 16.21 -0.89 -1.94
CA SER A 124 15.09 -0.82 -2.87
C SER A 124 13.82 -0.45 -2.14
N GLU A 125 13.72 -0.87 -0.88
CA GLU A 125 12.46 -0.82 -0.17
C GLU A 125 12.44 0.18 1.00
N VAL A 126 13.58 0.53 1.61
CA VAL A 126 13.55 1.32 2.84
C VAL A 126 14.06 2.74 2.59
N ASP A 127 13.28 3.73 3.06
CA ASP A 127 13.75 5.12 3.05
C ASP A 127 14.69 5.34 4.24
N ILE A 128 16.01 5.34 3.95
CA ILE A 128 17.02 5.45 4.99
C ILE A 128 17.06 6.85 5.61
N THR A 129 16.30 7.82 5.07
CA THR A 129 16.26 9.15 5.67
C THR A 129 15.09 9.24 6.67
N SER A 130 14.28 8.18 6.83
CA SER A 130 13.12 8.25 7.72
C SER A 130 13.07 7.07 8.69
N LEU A 131 14.22 6.68 9.25
CA LEU A 131 14.30 5.55 10.16
C LEU A 131 13.93 5.98 11.58
N VAL A 132 13.13 5.14 12.27
CA VAL A 132 12.87 5.26 13.71
C VAL A 132 13.71 4.21 14.41
N THR A 133 14.58 4.67 15.32
CA THR A 133 15.59 3.79 15.88
C THR A 133 15.77 4.00 17.39
N TYR A 134 16.39 2.98 17.99
CA TYR A 134 16.83 2.95 19.37
C TYR A 134 18.22 2.31 19.37
N ASN A 135 19.23 2.97 18.77
CA ASN A 135 20.57 2.40 18.72
C ASN A 135 21.52 3.30 19.51
N GLY A 136 22.24 2.69 20.45
CA GLY A 136 23.19 3.44 21.26
C GLY A 136 24.45 3.80 20.48
N LYS A 137 24.96 2.83 19.71
CA LYS A 137 26.18 3.04 18.94
C LYS A 137 25.79 3.25 17.48
N ALA A 138 26.62 3.97 16.74
CA ALA A 138 26.41 4.21 15.32
C ALA A 138 26.32 2.88 14.57
N PHE A 139 25.39 2.82 13.60
CA PHE A 139 25.17 1.64 12.81
C PHE A 139 26.47 1.22 12.11
N ASP A 140 26.78 -0.08 12.18
CA ASP A 140 28.00 -0.61 11.58
C ASP A 140 27.70 -1.06 10.15
N TRP A 141 27.50 -0.10 9.23
CA TRP A 141 27.06 -0.45 7.89
C TRP A 141 28.13 -1.28 7.20
N PRO A 142 27.77 -2.49 6.71
CA PRO A 142 28.72 -3.39 6.05
C PRO A 142 29.34 -2.73 4.83
N GLN A 143 30.60 -3.07 4.54
CA GLN A 143 31.35 -2.55 3.41
C GLN A 143 30.94 -3.29 2.13
N VAL A 144 31.02 -2.61 0.97
CA VAL A 144 30.53 -3.20 -0.27
C VAL A 144 31.26 -2.57 -1.46
N LYS A 145 31.45 -3.38 -2.52
CA LYS A 145 32.11 -2.93 -3.75
C LYS A 145 31.16 -3.18 -4.93
N THR A 146 30.58 -2.11 -5.49
CA THR A 146 29.57 -2.28 -6.52
C THR A 146 29.58 -1.10 -7.49
N ARG A 147 29.15 -1.37 -8.72
CA ARG A 147 28.94 -0.39 -9.76
C ARG A 147 27.52 0.18 -9.69
N HIS A 148 26.60 -0.55 -9.02
CA HIS A 148 25.17 -0.32 -9.17
C HIS A 148 24.79 1.03 -8.55
N THR A 149 23.98 1.79 -9.30
CA THR A 149 23.75 3.21 -9.03
C THR A 149 22.87 3.44 -7.80
N LEU A 150 21.87 2.57 -7.58
CA LEU A 150 20.98 2.68 -6.42
C LEU A 150 21.81 2.62 -5.13
N ILE A 151 22.77 1.70 -5.11
CA ILE A 151 23.55 1.40 -3.92
C ILE A 151 24.60 2.49 -3.69
N ARG A 152 25.35 2.85 -4.74
CA ARG A 152 26.44 3.80 -4.62
C ARG A 152 25.93 5.18 -4.20
N ASP A 153 24.70 5.53 -4.61
CA ASP A 153 24.15 6.85 -4.34
C ASP A 153 23.69 6.96 -2.88
N ARG A 154 23.76 5.87 -2.10
CA ARG A 154 23.21 5.85 -0.76
C ARG A 154 24.29 5.61 0.29
N LEU A 155 25.34 4.86 -0.05
CA LEU A 155 26.38 4.49 0.91
C LEU A 155 26.77 5.67 1.82
N PRO A 156 27.10 6.87 1.29
CA PRO A 156 27.42 8.03 2.14
C PRO A 156 26.22 8.74 2.80
N LYS A 157 25.00 8.32 2.47
CA LYS A 157 23.81 8.82 3.14
C LYS A 157 23.34 7.87 4.23
N LEU A 158 24.00 6.70 4.37
CA LEU A 158 23.64 5.75 5.42
C LEU A 158 23.92 6.39 6.78
N PRO A 159 22.86 6.64 7.60
CA PRO A 159 23.02 7.40 8.84
C PRO A 159 23.67 6.61 9.99
N GLU A 160 24.18 7.34 10.97
CA GLU A 160 24.69 6.75 12.20
C GLU A 160 23.56 6.35 13.14
N PHE A 161 22.51 7.18 13.17
CA PHE A 161 21.33 7.03 14.00
C PHE A 161 20.13 7.41 13.14
N GLY A 162 18.92 6.96 13.49
CA GLY A 162 17.73 7.27 12.73
C GLY A 162 17.34 8.74 12.82
N HIS A 163 16.65 9.23 11.80
CA HIS A 163 15.99 10.52 11.86
C HIS A 163 15.17 10.64 13.15
N PHE A 164 14.37 9.63 13.48
CA PHE A 164 13.57 9.63 14.70
C PHE A 164 14.31 8.80 15.72
N ASP A 165 15.22 9.45 16.44
CA ASP A 165 16.13 8.81 17.35
C ASP A 165 15.43 8.75 18.72
N LEU A 166 14.92 7.57 19.09
CA LEU A 166 14.11 7.39 20.30
C LEU A 166 14.99 7.52 21.54
N LEU A 167 16.31 7.55 21.36
CA LEU A 167 17.27 7.62 22.46
C LEU A 167 17.91 9.01 22.53
N HIS A 168 17.25 10.02 21.92
CA HIS A 168 17.84 11.33 21.70
C HIS A 168 18.21 11.97 23.04
N GLY A 169 19.47 12.41 23.15
CA GLY A 169 19.98 13.07 24.34
C GLY A 169 19.66 12.30 25.63
N ALA A 170 19.89 10.99 25.60
CA ALA A 170 19.52 10.16 26.74
C ALA A 170 20.38 8.89 26.74
N VAL A 181 17.68 2.12 30.56
CA VAL A 181 17.84 2.64 29.17
C VAL A 181 17.96 1.49 28.16
N SER A 182 18.20 0.25 28.59
CA SER A 182 18.17 -0.87 27.65
C SER A 182 16.75 -1.07 27.11
N LEU A 183 16.62 -1.64 25.91
CA LEU A 183 15.27 -1.79 25.34
C LEU A 183 14.43 -2.74 26.20
N GLY A 184 15.07 -3.78 26.74
CA GLY A 184 14.46 -4.74 27.67
C GLY A 184 13.87 -4.09 28.93
N THR A 185 14.58 -3.12 29.48
CA THR A 185 14.16 -2.41 30.67
C THR A 185 13.00 -1.46 30.37
N VAL A 186 13.07 -0.75 29.25
CA VAL A 186 12.00 0.12 28.80
C VAL A 186 10.73 -0.71 28.55
N GLU A 187 10.91 -1.92 27.97
CA GLU A 187 9.81 -2.80 27.66
C GLU A 187 9.05 -3.16 28.95
N LYS A 188 9.79 -3.52 29.99
CA LYS A 188 9.20 -4.03 31.21
C LYS A 188 8.65 -2.92 32.07
N GLU A 189 9.34 -1.78 32.13
CA GLU A 189 9.01 -0.76 33.11
C GLU A 189 8.05 0.29 32.51
N GLU A 190 8.05 0.43 31.18
CA GLU A 190 7.31 1.51 30.54
C GLU A 190 6.22 1.00 29.60
N LEU A 191 6.50 -0.05 28.81
CA LEU A 191 5.66 -0.44 27.69
C LEU A 191 4.78 -1.65 28.04
N GLY A 192 5.03 -2.32 29.14
CA GLY A 192 4.24 -3.47 29.53
C GLY A 192 4.42 -4.65 28.58
N ILE A 193 5.63 -4.78 28.01
CA ILE A 193 5.95 -5.83 27.06
C ILE A 193 6.78 -6.90 27.78
N ARG A 194 6.32 -8.15 27.74
CA ARG A 194 7.00 -9.29 28.32
C ARG A 194 7.29 -10.27 27.18
N ARG A 195 8.57 -10.65 27.02
CA ARG A 195 8.95 -11.57 25.96
C ARG A 195 9.02 -12.98 26.54
N LEU A 196 8.59 -13.98 25.77
CA LEU A 196 8.66 -15.35 26.23
C LEU A 196 9.90 -16.00 25.61
N GLU A 197 10.83 -16.43 26.45
CA GLU A 197 12.01 -17.20 26.05
C GLU A 197 12.78 -16.51 24.93
N ASP A 198 13.10 -15.24 25.16
CA ASP A 198 13.81 -14.44 24.19
C ASP A 198 15.27 -14.89 24.08
N THR A 199 15.80 -14.81 22.87
CA THR A 199 17.23 -14.97 22.63
C THR A 199 17.87 -13.59 22.69
N PRO A 200 18.71 -13.30 23.70
CA PRO A 200 19.19 -11.94 23.89
C PRO A 200 20.14 -11.54 22.78
N GLY A 201 20.21 -10.22 22.55
CA GLY A 201 20.99 -9.65 21.47
C GLY A 201 22.47 -9.99 21.58
N TYR A 202 23.00 -10.00 22.82
CA TYR A 202 24.40 -10.29 23.04
C TYR A 202 24.73 -11.74 22.65
N LEU A 203 23.77 -12.62 22.36
CA LEU A 203 24.12 -13.95 21.87
C LEU A 203 24.15 -14.03 20.33
N ALA A 204 23.65 -12.99 19.64
CA ALA A 204 23.53 -13.02 18.19
C ALA A 204 24.90 -13.20 17.54
N PRO A 205 25.98 -12.49 17.97
CA PRO A 205 27.30 -12.66 17.34
C PRO A 205 27.80 -14.10 17.27
N MET A 206 27.69 -14.82 18.39
CA MET A 206 28.21 -16.18 18.48
C MET A 206 27.34 -17.10 17.63
N LEU A 207 26.02 -16.87 17.65
CA LEU A 207 25.08 -17.71 16.91
C LEU A 207 25.36 -17.52 15.41
N TYR A 208 25.57 -16.27 14.99
CA TYR A 208 25.78 -15.95 13.60
C TYR A 208 27.12 -16.51 13.14
N PHE A 209 28.16 -16.35 13.97
CA PHE A 209 29.46 -16.92 13.69
C PHE A 209 29.35 -18.42 13.42
N HIS A 210 28.56 -19.16 14.20
CA HIS A 210 28.44 -20.59 13.96
C HIS A 210 27.57 -20.86 12.72
N PHE A 211 26.57 -20.00 12.48
CA PHE A 211 25.70 -20.11 11.32
C PHE A 211 26.46 -20.01 10.00
N ILE A 212 27.39 -19.04 9.89
CA ILE A 212 28.18 -18.83 8.68
C ILE A 212 28.66 -20.18 8.16
N LYS A 213 29.14 -21.04 9.08
CA LYS A 213 29.73 -22.31 8.75
C LYS A 213 28.63 -23.33 8.44
N ALA A 214 27.69 -23.50 9.37
CA ALA A 214 26.76 -24.61 9.32
C ALA A 214 25.49 -24.27 8.53
N GLN A 215 25.09 -22.99 8.48
CA GLN A 215 23.99 -22.51 7.66
C GLN A 215 22.66 -23.12 8.11
N GLU A 216 22.62 -23.70 9.31
CA GLU A 216 21.40 -24.30 9.85
C GLU A 216 20.46 -23.21 10.36
N PRO A 217 19.26 -23.07 9.77
CA PRO A 217 18.25 -22.13 10.24
C PRO A 217 17.99 -22.12 11.75
N ASP A 218 18.04 -23.28 12.40
CA ASP A 218 17.73 -23.37 13.82
C ASP A 218 18.62 -22.45 14.65
N LEU A 219 19.84 -22.18 14.15
CA LEU A 219 20.80 -21.35 14.87
C LEU A 219 20.35 -19.89 14.95
N LEU A 220 19.50 -19.42 14.03
CA LEU A 220 19.13 -18.01 13.99
C LEU A 220 17.64 -17.76 14.19
N LYS A 221 16.83 -18.81 14.36
CA LYS A 221 15.39 -18.56 14.49
C LYS A 221 15.11 -17.67 15.71
N GLY A 222 15.82 -17.92 16.80
CA GLY A 222 15.66 -17.14 18.03
C GLY A 222 16.09 -15.70 17.84
N VAL A 223 17.20 -15.51 17.11
CA VAL A 223 17.72 -14.20 16.82
C VAL A 223 16.71 -13.42 15.99
N LEU A 224 16.06 -14.13 15.03
CA LEU A 224 15.14 -13.50 14.11
C LEU A 224 13.86 -13.12 14.87
N HIS A 225 13.43 -13.95 15.82
CA HIS A 225 12.29 -13.59 16.64
C HIS A 225 12.62 -12.38 17.52
N HIS A 226 13.85 -12.30 18.04
CA HIS A 226 14.26 -11.23 18.94
C HIS A 226 14.23 -9.90 18.19
N ASN A 227 14.75 -9.90 16.96
CA ASN A 227 14.81 -8.73 16.13
C ASN A 227 13.42 -8.27 15.72
N GLU A 228 12.54 -9.23 15.43
CA GLU A 228 11.14 -8.97 15.12
C GLU A 228 10.49 -8.27 16.30
N MET A 229 10.73 -8.79 17.51
CA MET A 229 10.13 -8.20 18.70
C MET A 229 10.72 -6.80 18.91
N ASP A 230 12.01 -6.61 18.62
CA ASP A 230 12.66 -5.30 18.66
C ASP A 230 11.92 -4.27 17.81
N VAL A 231 11.63 -4.56 16.54
CA VAL A 231 11.08 -3.55 15.65
C VAL A 231 9.64 -3.24 16.04
N LEU A 232 8.87 -4.23 16.50
CA LEU A 232 7.53 -3.94 17.02
C LEU A 232 7.60 -3.06 18.28
N SER A 233 8.54 -3.32 19.20
CA SER A 233 8.67 -2.46 20.38
C SER A 233 9.01 -1.02 20.04
N LEU A 234 9.73 -0.78 18.92
CA LEU A 234 10.02 0.58 18.49
C LEU A 234 8.74 1.32 18.14
N ILE A 235 7.74 0.61 17.63
CA ILE A 235 6.46 1.22 17.34
C ILE A 235 5.79 1.62 18.65
N SER A 236 5.75 0.69 19.60
CA SER A 236 5.13 0.93 20.89
C SER A 236 5.83 2.06 21.63
N LEU A 237 7.17 2.13 21.52
CA LEU A 237 7.95 3.18 22.18
C LEU A 237 7.69 4.54 21.55
N TYR A 238 7.63 4.60 20.20
CA TYR A 238 7.37 5.85 19.51
C TYR A 238 6.00 6.41 19.94
N ILE A 239 5.00 5.55 20.02
CA ILE A 239 3.66 5.93 20.47
C ILE A 239 3.72 6.44 21.91
N HIS A 240 4.36 5.68 22.78
CA HIS A 240 4.48 6.03 24.20
C HIS A 240 5.12 7.40 24.36
N MET A 241 6.24 7.65 23.66
CA MET A 241 7.01 8.88 23.83
C MET A 241 6.24 10.04 23.24
N SER A 242 5.61 9.81 22.07
CA SER A 242 4.77 10.83 21.45
C SER A 242 3.60 11.23 22.35
N LYS A 243 2.91 10.28 22.98
CA LYS A 243 1.74 10.61 23.80
C LYS A 243 2.16 11.39 25.05
N LYS A 244 3.33 11.07 25.61
CA LYS A 244 3.85 11.81 26.75
C LYS A 244 4.12 13.25 26.35
N ILE A 245 4.65 13.45 25.14
CA ILE A 245 5.04 14.76 24.65
C ILE A 245 3.80 15.56 24.29
N LEU A 246 2.83 14.94 23.63
CA LEU A 246 1.71 15.66 23.05
C LEU A 246 0.54 15.74 24.04
N SER A 247 0.70 15.17 25.24
CA SER A 247 -0.17 15.48 26.37
C SER A 247 0.19 16.87 26.90
N ASP B 2 2.08 -6.69 -33.18
CA ASP B 2 0.70 -7.21 -32.93
C ASP B 2 -0.20 -6.05 -32.49
N ILE B 3 0.13 -5.44 -31.35
CA ILE B 3 -0.72 -4.45 -30.72
C ILE B 3 -0.51 -3.11 -31.41
N PRO B 4 -1.56 -2.56 -32.09
CA PRO B 4 -1.46 -1.27 -32.77
C PRO B 4 -1.40 -0.04 -31.86
N PHE B 5 -0.66 0.98 -32.32
CA PHE B 5 -0.64 2.30 -31.71
C PHE B 5 -0.06 2.25 -30.30
N LEU B 6 0.83 1.27 -30.06
CA LEU B 6 1.37 1.00 -28.74
C LEU B 6 2.17 2.21 -28.22
N GLU B 7 2.95 2.84 -29.11
CA GLU B 7 3.71 4.02 -28.72
C GLU B 7 2.78 5.14 -28.32
N GLU B 8 1.79 5.43 -29.17
CA GLU B 8 0.82 6.50 -28.91
C GLU B 8 0.04 6.25 -27.60
N TRP B 9 -0.27 4.98 -27.31
CA TRP B 9 -0.96 4.65 -26.05
C TRP B 9 -0.07 4.96 -24.84
N GLU B 10 1.23 4.69 -24.96
CA GLU B 10 2.14 4.83 -23.83
C GLU B 10 2.27 6.29 -23.40
N ALA B 11 2.22 7.22 -24.37
CA ALA B 11 2.25 8.65 -24.08
C ALA B 11 1.05 9.07 -23.25
N PHE B 12 -0.04 8.31 -23.34
CA PHE B 12 -1.27 8.62 -22.61
C PHE B 12 -1.28 7.94 -21.24
N GLY B 13 -0.22 7.18 -20.91
CA GLY B 13 -0.16 6.43 -19.67
C GLY B 13 -0.89 5.08 -19.71
N MET B 14 -1.10 4.56 -20.93
CA MET B 14 -1.79 3.29 -21.17
C MET B 14 -0.75 2.26 -21.57
N LYS B 15 -0.68 1.14 -20.83
CA LYS B 15 0.21 0.06 -21.17
C LYS B 15 -0.59 -1.24 -21.30
N PRO B 16 -0.14 -2.18 -22.15
CA PRO B 16 -0.85 -3.45 -22.32
C PRO B 16 -0.60 -4.45 -21.19
N PHE B 17 -1.66 -5.20 -20.88
CA PHE B 17 -1.57 -6.35 -20.01
C PHE B 17 -1.84 -7.56 -20.89
N ILE B 18 -0.82 -8.41 -21.06
CA ILE B 18 -0.89 -9.54 -21.98
C ILE B 18 -1.19 -10.78 -21.15
N PHE B 19 -2.13 -11.61 -21.62
CA PHE B 19 -2.51 -12.83 -20.92
C PHE B 19 -3.19 -13.79 -21.90
N GLU B 20 -2.68 -15.03 -21.98
CA GLU B 20 -3.34 -16.11 -22.72
C GLU B 20 -3.68 -15.73 -24.17
N ASP B 21 -2.77 -15.10 -24.90
CA ASP B 21 -3.03 -14.70 -26.29
C ASP B 21 -4.03 -13.55 -26.37
N GLU B 22 -4.38 -12.93 -25.23
CA GLU B 22 -5.26 -11.78 -25.23
C GLU B 22 -4.56 -10.58 -24.59
N TYR B 23 -5.17 -9.39 -24.69
CA TYR B 23 -4.67 -8.27 -23.92
C TYR B 23 -5.77 -7.29 -23.58
N CYS B 24 -5.50 -6.50 -22.54
CA CYS B 24 -6.26 -5.31 -22.27
C CYS B 24 -5.30 -4.15 -22.03
N LEU B 25 -5.83 -2.93 -22.07
CA LEU B 25 -5.01 -1.74 -21.92
C LEU B 25 -5.28 -1.12 -20.55
N ILE B 26 -4.20 -0.77 -19.86
CA ILE B 26 -4.34 -0.30 -18.49
C ILE B 26 -3.72 1.07 -18.36
N ARG B 27 -4.50 1.98 -17.75
CA ARG B 27 -4.04 3.32 -17.47
C ARG B 27 -4.05 3.56 -15.96
N GLU B 28 -3.04 4.30 -15.48
CA GLU B 28 -2.93 4.60 -14.06
C GLU B 28 -2.58 6.07 -13.88
N VAL B 29 -3.37 6.80 -13.08
CA VAL B 29 -3.09 8.20 -12.77
C VAL B 29 -3.02 8.37 -11.24
N GLU B 30 -2.14 9.24 -10.73
CA GLU B 30 -2.10 9.53 -9.31
C GLU B 30 -2.45 10.99 -9.02
N TYR B 31 -3.19 11.21 -7.94
CA TYR B 31 -3.46 12.55 -7.45
C TYR B 31 -2.99 12.67 -6.00
N PRO B 32 -2.48 13.84 -5.57
CA PRO B 32 -2.19 14.06 -4.15
C PRO B 32 -3.49 14.07 -3.34
N LEU B 33 -3.41 13.72 -2.05
CA LEU B 33 -4.57 13.73 -1.18
C LEU B 33 -5.10 15.14 -0.96
N SER B 34 -4.25 16.15 -1.21
CA SER B 34 -4.60 17.55 -1.03
C SER B 34 -5.42 18.08 -2.21
N HIS B 35 -5.49 17.30 -3.31
CA HIS B 35 -6.25 17.68 -4.49
C HIS B 35 -7.72 17.92 -4.13
N ARG B 36 -8.26 19.08 -4.55
CA ARG B 36 -9.65 19.41 -4.33
C ARG B 36 -10.43 19.01 -5.58
N HIS B 37 -11.42 18.14 -5.41
CA HIS B 37 -12.29 17.78 -6.53
C HIS B 37 -13.69 18.25 -6.17
N GLY B 38 -14.05 19.44 -6.63
CA GLY B 38 -15.20 20.14 -6.10
C GLY B 38 -14.94 20.66 -4.68
N LEU B 39 -15.96 20.53 -3.81
CA LEU B 39 -16.01 21.15 -2.50
C LEU B 39 -14.99 20.51 -1.58
N TYR B 40 -14.61 19.26 -1.85
CA TYR B 40 -13.91 18.46 -0.87
C TYR B 40 -12.56 18.08 -1.44
N SER B 41 -11.56 18.07 -0.55
CA SER B 41 -10.30 17.40 -0.85
C SER B 41 -10.42 15.95 -0.44
N PHE B 42 -9.67 15.09 -1.13
CA PHE B 42 -9.78 13.67 -0.89
C PHE B 42 -9.32 13.30 0.52
N SER B 43 -8.60 14.19 1.20
CA SER B 43 -8.14 13.92 2.56
C SER B 43 -9.31 13.92 3.57
N GLU B 44 -10.47 14.47 3.17
CA GLU B 44 -11.65 14.46 4.03
C GLU B 44 -12.28 13.07 4.05
N LEU B 45 -11.88 12.16 3.15
CA LEU B 45 -12.44 10.83 3.23
C LEU B 45 -12.14 10.21 4.60
N GLU B 46 -10.90 10.42 5.07
CA GLU B 46 -10.42 9.77 6.29
C GLU B 46 -11.34 10.14 7.44
N GLU B 47 -11.70 11.43 7.54
CA GLU B 47 -12.59 11.93 8.57
C GLU B 47 -13.93 11.19 8.55
N VAL B 48 -14.54 11.01 7.36
CA VAL B 48 -15.88 10.43 7.32
C VAL B 48 -15.82 8.94 7.63
N ILE B 49 -14.73 8.27 7.28
CA ILE B 49 -14.58 6.85 7.60
C ILE B 49 -14.51 6.68 9.13
N THR B 50 -13.81 7.60 9.79
CA THR B 50 -13.72 7.60 11.24
C THR B 50 -15.13 7.77 11.83
N LEU B 51 -15.87 8.79 11.33
CA LEU B 51 -17.17 9.10 11.89
C LEU B 51 -18.13 7.92 11.70
N TRP B 52 -18.08 7.26 10.53
CA TRP B 52 -18.90 6.08 10.30
C TRP B 52 -18.60 4.99 11.33
N ASN B 53 -17.31 4.77 11.62
CA ASN B 53 -16.94 3.72 12.55
C ASN B 53 -17.38 4.07 13.97
N GLN B 54 -17.67 5.35 14.23
CA GLN B 54 -18.15 5.79 15.54
C GLN B 54 -19.68 5.86 15.60
N SER B 55 -20.34 5.58 14.47
CA SER B 55 -21.79 5.71 14.33
C SER B 55 -22.47 4.38 14.62
N GLY B 56 -23.57 4.41 15.38
CA GLY B 56 -24.49 3.29 15.51
C GLY B 56 -25.61 3.26 14.46
N LEU B 57 -25.53 4.09 13.40
CA LEU B 57 -26.55 4.13 12.37
C LEU B 57 -26.39 2.99 11.35
N SER B 58 -27.46 2.23 11.15
CA SER B 58 -27.53 1.25 10.08
C SER B 58 -27.92 1.96 8.78
N HIS B 59 -27.01 1.97 7.78
CA HIS B 59 -27.23 2.62 6.50
C HIS B 59 -26.39 1.95 5.41
N THR B 60 -26.90 1.99 4.16
CA THR B 60 -26.28 1.32 3.04
C THR B 60 -24.88 1.86 2.78
N LEU B 61 -24.63 3.14 3.06
CA LEU B 61 -23.32 3.74 2.95
C LEU B 61 -22.43 3.63 4.18
N SER B 62 -22.83 2.94 5.26
CA SER B 62 -21.95 2.88 6.42
C SER B 62 -20.62 2.20 6.07
N ALA B 63 -19.53 2.93 6.38
CA ALA B 63 -18.17 2.43 6.29
C ALA B 63 -17.72 1.83 7.61
N LYS B 64 -18.67 1.48 8.50
CA LYS B 64 -18.33 0.82 9.74
C LYS B 64 -17.72 -0.55 9.42
N GLY B 65 -16.54 -0.80 9.99
CA GLY B 65 -15.79 -2.04 9.75
C GLY B 65 -14.88 -1.96 8.53
N TYR B 66 -14.87 -0.82 7.81
CA TYR B 66 -14.01 -0.63 6.66
C TYR B 66 -12.91 0.40 6.97
N ASN B 67 -11.77 0.26 6.29
CA ASN B 67 -10.71 1.27 6.22
C ASN B 67 -10.88 1.96 4.88
N LYS B 68 -10.35 3.19 4.75
CA LYS B 68 -10.56 3.98 3.54
C LYS B 68 -10.03 3.25 2.31
N ASN B 69 -9.03 2.36 2.48
CA ASN B 69 -8.40 1.62 1.40
C ASN B 69 -9.27 0.47 0.90
N ASN B 70 -10.22 0.03 1.72
CA ASN B 70 -11.13 -1.03 1.34
C ASN B 70 -12.15 -0.54 0.29
N LEU B 71 -12.32 0.78 0.12
CA LEU B 71 -13.37 1.31 -0.76
C LEU B 71 -12.85 1.50 -2.18
N PHE B 72 -13.51 0.83 -3.14
CA PHE B 72 -13.20 0.98 -4.55
C PHE B 72 -14.31 1.79 -5.24
N PHE B 73 -13.96 3.01 -5.62
CA PHE B 73 -14.88 3.93 -6.28
C PHE B 73 -14.94 3.61 -7.76
N PHE B 74 -16.04 2.99 -8.22
CA PHE B 74 -16.07 2.22 -9.44
C PHE B 74 -17.09 2.80 -10.41
N ASP B 75 -16.70 3.01 -11.66
CA ASP B 75 -17.60 3.47 -12.71
C ASP B 75 -17.18 2.86 -14.04
N THR B 76 -18.17 2.54 -14.90
CA THR B 76 -17.95 1.83 -16.14
C THR B 76 -18.52 2.60 -17.32
N GLU B 77 -17.98 2.34 -18.52
CA GLU B 77 -18.64 2.79 -19.74
C GLU B 77 -19.00 1.56 -20.54
N THR B 78 -20.07 1.66 -21.33
CA THR B 78 -20.67 0.53 -22.04
C THR B 78 -20.91 0.89 -23.50
N THR B 79 -21.22 -0.14 -24.31
CA THR B 79 -21.52 0.07 -25.73
C THR B 79 -22.92 -0.45 -26.05
N ASN B 87 -25.49 -4.85 -25.17
CA ASN B 87 -24.95 -3.78 -24.31
C ASN B 87 -24.03 -4.38 -23.24
N THR B 88 -22.76 -3.95 -23.21
CA THR B 88 -21.76 -4.54 -22.33
C THR B 88 -20.63 -3.56 -22.01
N ILE B 89 -20.04 -3.74 -20.82
CA ILE B 89 -18.94 -2.93 -20.33
C ILE B 89 -17.75 -3.12 -21.25
N PHE B 90 -17.11 -2.01 -21.63
CA PHE B 90 -15.83 -2.05 -22.32
C PHE B 90 -14.75 -1.30 -21.54
N LEU B 91 -15.14 -0.49 -20.55
CA LEU B 91 -14.17 0.23 -19.75
C LEU B 91 -14.54 0.11 -18.27
N LEU B 92 -13.59 -0.38 -17.47
CA LEU B 92 -13.72 -0.49 -16.03
C LEU B 92 -12.81 0.56 -15.40
N GLY B 93 -13.37 1.49 -14.63
CA GLY B 93 -12.55 2.50 -13.98
C GLY B 93 -12.73 2.44 -12.47
N HIS B 94 -11.63 2.58 -11.73
CA HIS B 94 -11.76 2.66 -10.28
C HIS B 94 -10.70 3.55 -9.64
N ALA B 95 -11.09 4.17 -8.53
CA ALA B 95 -10.18 5.00 -7.75
C ALA B 95 -10.12 4.43 -6.35
N ARG B 96 -8.96 4.66 -5.73
CA ARG B 96 -8.71 4.18 -4.38
C ARG B 96 -7.88 5.22 -3.64
N VAL B 97 -8.23 5.47 -2.37
CA VAL B 97 -7.59 6.50 -1.58
C VAL B 97 -6.62 5.87 -0.58
N TYR B 98 -5.33 6.26 -0.65
CA TYR B 98 -4.28 5.78 0.26
C TYR B 98 -3.74 6.95 1.08
N GLU B 99 -2.66 6.71 1.85
CA GLU B 99 -2.24 7.65 2.87
C GLU B 99 -1.69 8.94 2.24
N ASP B 100 -1.11 8.83 1.04
CA ASP B 100 -0.41 9.97 0.45
C ASP B 100 -1.03 10.42 -0.87
N ARG B 101 -2.04 9.69 -1.34
CA ARG B 101 -2.48 9.85 -2.73
C ARG B 101 -3.80 9.13 -3.01
N VAL B 102 -4.39 9.52 -4.15
CA VAL B 102 -5.47 8.77 -4.74
C VAL B 102 -4.97 8.16 -6.05
N THR B 103 -5.27 6.87 -6.29
CA THR B 103 -4.92 6.20 -7.52
C THR B 103 -6.16 5.91 -8.34
N VAL B 104 -6.14 6.35 -9.60
CA VAL B 104 -7.15 5.97 -10.59
C VAL B 104 -6.57 4.95 -11.54
N LYS B 105 -7.34 3.88 -11.75
CA LYS B 105 -6.92 2.80 -12.64
C LYS B 105 -8.07 2.43 -13.56
N GLN B 106 -7.76 2.31 -14.85
CA GLN B 106 -8.72 2.01 -15.90
C GLN B 106 -8.25 0.78 -16.68
N HIS B 107 -9.19 -0.16 -16.87
CA HIS B 107 -9.00 -1.36 -17.67
C HIS B 107 -9.89 -1.23 -18.92
N LEU B 108 -9.25 -1.09 -20.08
CA LEU B 108 -9.92 -0.93 -21.37
C LEU B 108 -9.86 -2.23 -22.18
N LEU B 109 -11.04 -2.74 -22.57
CA LEU B 109 -11.13 -3.83 -23.53
C LEU B 109 -10.82 -3.29 -24.93
N PRO B 110 -9.73 -3.74 -25.60
CA PRO B 110 -9.38 -3.24 -26.93
C PRO B 110 -10.38 -3.62 -28.03
N LYS B 111 -10.91 -4.84 -27.92
CA LYS B 111 -12.01 -5.31 -28.76
C LYS B 111 -12.54 -6.63 -28.20
N PRO B 112 -13.79 -7.02 -28.53
CA PRO B 112 -14.31 -8.34 -28.17
C PRO B 112 -13.30 -9.45 -28.39
N GLY B 113 -13.31 -10.43 -27.50
CA GLY B 113 -12.36 -11.54 -27.56
C GLY B 113 -11.17 -11.35 -26.63
N ASN B 114 -11.14 -10.27 -25.86
CA ASN B 114 -10.04 -10.00 -24.95
C ASN B 114 -10.51 -10.01 -23.50
N GLU B 115 -11.64 -10.68 -23.23
CA GLU B 115 -12.32 -10.55 -21.96
C GLU B 115 -11.56 -11.28 -20.84
N VAL B 116 -10.82 -12.34 -21.20
CA VAL B 116 -10.06 -13.09 -20.21
C VAL B 116 -8.98 -12.18 -19.60
N ALA B 117 -8.22 -11.49 -20.47
CA ALA B 117 -7.20 -10.53 -20.06
C ALA B 117 -7.77 -9.42 -19.18
N LEU B 118 -8.94 -8.87 -19.58
CA LEU B 118 -9.63 -7.82 -18.84
C LEU B 118 -9.97 -8.27 -17.42
N TYR B 119 -10.62 -9.43 -17.32
CA TYR B 119 -11.04 -9.94 -16.02
C TYR B 119 -9.83 -10.33 -15.17
N GLN B 120 -8.78 -10.86 -15.81
CA GLN B 120 -7.60 -11.27 -15.07
C GLN B 120 -6.97 -10.05 -14.40
N SER B 121 -6.82 -8.97 -15.17
CA SER B 121 -6.25 -7.73 -14.62
C SER B 121 -7.19 -7.11 -13.58
N PHE B 122 -8.50 -7.05 -13.84
CA PHE B 122 -9.40 -6.30 -12.97
C PHE B 122 -9.61 -7.03 -11.64
N LEU B 123 -9.94 -8.33 -11.72
CA LEU B 123 -10.32 -9.13 -10.57
C LEU B 123 -9.12 -9.43 -9.67
N SER B 124 -7.91 -9.33 -10.21
CA SER B 124 -6.69 -9.49 -9.42
C SER B 124 -6.57 -8.37 -8.40
N GLU B 125 -7.11 -7.19 -8.72
CA GLU B 125 -6.81 -5.98 -8.00
C GLU B 125 -8.03 -5.38 -7.28
N VAL B 126 -9.27 -5.64 -7.73
CA VAL B 126 -10.42 -4.92 -7.17
C VAL B 126 -11.28 -5.87 -6.33
N ASP B 127 -11.64 -5.44 -5.11
CA ASP B 127 -12.59 -6.17 -4.29
C ASP B 127 -14.01 -5.82 -4.76
N ILE B 128 -14.62 -6.73 -5.53
CA ILE B 128 -15.93 -6.49 -6.12
C ILE B 128 -17.04 -6.52 -5.08
N THR B 129 -16.75 -6.83 -3.80
CA THR B 129 -17.76 -6.77 -2.77
C THR B 129 -17.71 -5.43 -2.03
N SER B 130 -16.80 -4.51 -2.42
CA SER B 130 -16.68 -3.24 -1.71
C SER B 130 -16.71 -2.06 -2.68
N LEU B 131 -17.54 -2.12 -3.72
CA LEU B 131 -17.61 -1.09 -4.74
C LEU B 131 -18.50 0.06 -4.27
N VAL B 132 -18.04 1.31 -4.54
CA VAL B 132 -18.83 2.53 -4.36
C VAL B 132 -19.26 2.97 -5.75
N THR B 133 -20.58 3.06 -5.96
CA THR B 133 -21.09 3.23 -7.30
C THR B 133 -22.26 4.23 -7.35
N TYR B 134 -22.50 4.72 -8.56
CA TYR B 134 -23.60 5.57 -8.93
C TYR B 134 -24.07 5.10 -10.31
N ASN B 135 -24.60 3.87 -10.39
CA ASN B 135 -25.08 3.32 -11.65
C ASN B 135 -26.60 3.14 -11.53
N GLY B 136 -27.32 3.66 -12.53
CA GLY B 136 -28.76 3.57 -12.54
C GLY B 136 -29.20 2.18 -12.98
N LYS B 137 -28.57 1.65 -14.03
CA LYS B 137 -28.89 0.31 -14.52
C LYS B 137 -27.83 -0.67 -14.04
N ALA B 138 -28.24 -1.94 -13.90
CA ALA B 138 -27.34 -3.01 -13.49
C ALA B 138 -26.14 -3.10 -14.44
N PHE B 139 -24.96 -3.35 -13.86
CA PHE B 139 -23.73 -3.49 -14.62
C PHE B 139 -23.87 -4.61 -15.65
N ASP B 140 -23.47 -4.32 -16.89
CA ASP B 140 -23.56 -5.27 -17.99
C ASP B 140 -22.24 -6.04 -18.08
N TRP B 141 -22.01 -6.96 -17.15
CA TRP B 141 -20.73 -7.64 -17.11
C TRP B 141 -20.53 -8.48 -18.37
N PRO B 142 -19.42 -8.27 -19.11
CA PRO B 142 -19.19 -8.98 -20.38
C PRO B 142 -19.04 -10.48 -20.14
N GLN B 143 -19.47 -11.28 -21.13
CA GLN B 143 -19.43 -12.74 -21.04
C GLN B 143 -18.03 -13.24 -21.39
N VAL B 144 -17.65 -14.41 -20.83
CA VAL B 144 -16.28 -14.91 -20.95
C VAL B 144 -16.28 -16.42 -20.80
N LYS B 145 -15.36 -17.10 -21.51
CA LYS B 145 -15.19 -18.54 -21.45
C LYS B 145 -13.74 -18.86 -21.07
N THR B 146 -13.53 -19.35 -19.84
CA THR B 146 -12.18 -19.58 -19.33
C THR B 146 -12.17 -20.73 -18.34
N ARG B 147 -11.00 -21.37 -18.18
CA ARG B 147 -10.80 -22.38 -17.15
C ARG B 147 -10.24 -21.75 -15.88
N HIS B 148 -9.75 -20.50 -15.96
CA HIS B 148 -8.95 -19.90 -14.90
C HIS B 148 -9.80 -19.65 -13.67
N THR B 149 -9.25 -20.01 -12.51
CA THR B 149 -10.01 -20.21 -11.28
C THR B 149 -10.40 -18.87 -10.64
N LEU B 150 -9.53 -17.85 -10.73
CA LEU B 150 -9.82 -16.53 -10.20
C LEU B 150 -11.10 -15.97 -10.84
N ILE B 151 -11.22 -16.16 -12.16
CA ILE B 151 -12.29 -15.56 -12.93
C ILE B 151 -13.58 -16.34 -12.73
N ARG B 152 -13.51 -17.67 -12.85
CA ARG B 152 -14.70 -18.52 -12.76
C ARG B 152 -15.35 -18.41 -11.38
N ASP B 153 -14.54 -18.18 -10.33
CA ASP B 153 -15.05 -18.11 -8.97
C ASP B 153 -15.78 -16.79 -8.70
N ARG B 154 -15.77 -15.85 -9.66
CA ARG B 154 -16.30 -14.53 -9.39
C ARG B 154 -17.48 -14.20 -10.30
N LEU B 155 -17.51 -14.75 -11.53
CA LEU B 155 -18.54 -14.39 -12.50
C LEU B 155 -19.93 -14.29 -11.86
N PRO B 156 -20.42 -15.32 -11.12
CA PRO B 156 -21.72 -15.22 -10.46
C PRO B 156 -21.80 -14.34 -9.20
N LYS B 157 -20.65 -13.82 -8.74
CA LYS B 157 -20.61 -12.88 -7.63
C LYS B 157 -20.50 -11.43 -8.11
N LEU B 158 -20.39 -11.24 -9.43
CA LEU B 158 -20.34 -9.90 -10.00
C LEU B 158 -21.66 -9.18 -9.72
N PRO B 159 -21.63 -8.09 -8.92
CA PRO B 159 -22.85 -7.40 -8.49
C PRO B 159 -23.55 -6.58 -9.58
N GLU B 160 -24.84 -6.33 -9.37
CA GLU B 160 -25.62 -5.46 -10.25
C GLU B 160 -25.34 -3.98 -9.92
N PHE B 161 -25.16 -3.69 -8.63
CA PHE B 161 -24.92 -2.36 -8.09
C PHE B 161 -23.89 -2.52 -6.98
N GLY B 162 -23.16 -1.45 -6.64
CA GLY B 162 -22.11 -1.55 -5.65
C GLY B 162 -22.67 -1.69 -4.24
N HIS B 163 -21.89 -2.29 -3.34
CA HIS B 163 -22.20 -2.33 -1.92
C HIS B 163 -22.57 -0.94 -1.42
N PHE B 164 -21.77 0.08 -1.74
CA PHE B 164 -22.06 1.45 -1.34
C PHE B 164 -22.75 2.14 -2.52
N ASP B 165 -24.06 2.01 -2.57
CA ASP B 165 -24.85 2.45 -3.71
C ASP B 165 -25.26 3.91 -3.44
N LEU B 166 -24.57 4.86 -4.11
CA LEU B 166 -24.76 6.30 -3.87
C LEU B 166 -26.13 6.75 -4.38
N LEU B 167 -26.81 5.90 -5.15
CA LEU B 167 -28.08 6.22 -5.77
C LEU B 167 -29.20 5.43 -5.07
N HIS B 168 -28.95 4.99 -3.83
CA HIS B 168 -29.89 4.15 -3.09
C HIS B 168 -31.22 4.89 -2.92
N GLY B 169 -32.32 4.23 -3.30
CA GLY B 169 -33.65 4.80 -3.18
C GLY B 169 -33.78 6.20 -3.76
N ALA B 170 -33.22 6.39 -4.96
CA ALA B 170 -33.17 7.73 -5.54
C ALA B 170 -33.09 7.61 -7.07
N VAL B 181 -30.76 14.07 -10.84
CA VAL B 181 -30.08 12.81 -10.36
C VAL B 181 -28.96 12.36 -11.31
N SER B 182 -28.79 12.96 -12.50
CA SER B 182 -27.61 12.67 -13.31
C SER B 182 -26.33 13.09 -12.58
N LEU B 183 -25.20 12.43 -12.88
CA LEU B 183 -23.96 12.74 -12.17
C LEU B 183 -23.53 14.17 -12.49
N GLY B 184 -23.72 14.61 -13.74
CA GLY B 184 -23.45 15.96 -14.19
C GLY B 184 -24.21 17.04 -13.41
N THR B 185 -25.48 16.77 -13.10
CA THR B 185 -26.32 17.69 -12.36
C THR B 185 -25.90 17.76 -10.89
N VAL B 186 -25.60 16.59 -10.30
CA VAL B 186 -25.13 16.53 -8.93
C VAL B 186 -23.79 17.27 -8.81
N GLU B 187 -22.94 17.12 -9.83
CA GLU B 187 -21.63 17.75 -9.88
C GLU B 187 -21.78 19.26 -9.81
N LYS B 188 -22.70 19.82 -10.61
CA LYS B 188 -22.82 21.26 -10.73
C LYS B 188 -23.58 21.85 -9.56
N GLU B 189 -24.62 21.16 -9.07
CA GLU B 189 -25.54 21.78 -8.14
C GLU B 189 -25.16 21.45 -6.70
N GLU B 190 -24.42 20.35 -6.47
CA GLU B 190 -24.12 19.91 -5.13
C GLU B 190 -22.63 19.93 -4.82
N LEU B 191 -21.79 19.49 -5.78
CA LEU B 191 -20.40 19.18 -5.51
C LEU B 191 -19.48 20.32 -5.97
N GLY B 192 -19.99 21.28 -6.72
CA GLY B 192 -19.15 22.37 -7.21
C GLY B 192 -18.05 21.91 -8.19
N ILE B 193 -18.34 20.83 -8.94
CA ILE B 193 -17.40 20.28 -9.90
C ILE B 193 -17.80 20.76 -11.30
N ARG B 194 -16.87 21.40 -12.01
CA ARG B 194 -17.08 21.86 -13.39
C ARG B 194 -16.04 21.15 -14.26
N ARG B 195 -16.51 20.47 -15.31
CA ARG B 195 -15.61 19.75 -16.19
C ARG B 195 -15.33 20.60 -17.42
N LEU B 196 -14.11 20.52 -17.94
CA LEU B 196 -13.74 21.34 -19.07
C LEU B 196 -13.71 20.45 -20.31
N GLU B 197 -14.52 20.78 -21.32
CA GLU B 197 -14.59 20.09 -22.60
C GLU B 197 -14.74 18.59 -22.44
N ASP B 198 -15.75 18.18 -21.65
CA ASP B 198 -15.99 16.80 -21.34
C ASP B 198 -16.57 16.08 -22.56
N THR B 199 -16.17 14.82 -22.73
CA THR B 199 -16.81 13.94 -23.68
C THR B 199 -17.95 13.20 -22.98
N PRO B 200 -19.21 13.46 -23.35
CA PRO B 200 -20.33 12.91 -22.59
C PRO B 200 -20.40 11.40 -22.75
N GLY B 201 -20.95 10.75 -21.72
CA GLY B 201 -21.06 9.30 -21.65
C GLY B 201 -21.87 8.72 -22.80
N TYR B 202 -22.93 9.42 -23.24
CA TYR B 202 -23.77 8.94 -24.31
C TYR B 202 -23.00 8.92 -25.64
N LEU B 203 -21.80 9.51 -25.73
CA LEU B 203 -21.03 9.37 -26.97
C LEU B 203 -20.06 8.17 -26.92
N ALA B 204 -19.86 7.56 -25.75
CA ALA B 204 -18.88 6.49 -25.61
C ALA B 204 -19.23 5.31 -26.54
N PRO B 205 -20.51 4.86 -26.65
CA PRO B 205 -20.84 3.72 -27.52
C PRO B 205 -20.37 3.87 -28.97
N MET B 206 -20.65 5.05 -29.54
CA MET B 206 -20.36 5.33 -30.94
C MET B 206 -18.83 5.41 -31.10
N LEU B 207 -18.15 6.03 -30.13
CA LEU B 207 -16.70 6.21 -30.20
C LEU B 207 -16.03 4.84 -30.13
N TYR B 208 -16.55 3.98 -29.24
CA TYR B 208 -15.96 2.66 -29.05
C TYR B 208 -16.22 1.79 -30.28
N PHE B 209 -17.44 1.86 -30.81
CA PHE B 209 -17.79 1.16 -32.04
C PHE B 209 -16.82 1.52 -33.16
N HIS B 210 -16.44 2.80 -33.32
CA HIS B 210 -15.51 3.16 -34.37
C HIS B 210 -14.09 2.71 -34.01
N PHE B 211 -13.75 2.75 -32.71
CA PHE B 211 -12.44 2.34 -32.23
C PHE B 211 -12.13 0.87 -32.53
N ILE B 212 -13.11 -0.03 -32.30
CA ILE B 212 -12.93 -1.46 -32.54
C ILE B 212 -12.25 -1.66 -33.88
N LYS B 213 -12.72 -0.93 -34.90
CA LYS B 213 -12.23 -1.03 -36.26
C LYS B 213 -10.87 -0.36 -36.40
N ALA B 214 -10.77 0.91 -36.02
CA ALA B 214 -9.61 1.73 -36.34
C ALA B 214 -8.51 1.63 -35.27
N GLN B 215 -8.87 1.37 -34.01
CA GLN B 215 -7.93 1.18 -32.92
C GLN B 215 -7.10 2.43 -32.65
N GLU B 216 -7.54 3.58 -33.17
CA GLU B 216 -6.89 4.86 -32.97
C GLU B 216 -7.16 5.40 -31.56
N PRO B 217 -6.12 5.55 -30.71
CA PRO B 217 -6.28 6.09 -29.36
C PRO B 217 -7.07 7.40 -29.26
N ASP B 218 -6.96 8.28 -30.26
CA ASP B 218 -7.61 9.58 -30.19
C ASP B 218 -9.13 9.43 -30.05
N LEU B 219 -9.67 8.29 -30.48
CA LEU B 219 -11.10 8.05 -30.43
C LEU B 219 -11.59 7.87 -29.01
N LEU B 220 -10.72 7.46 -28.07
CA LEU B 220 -11.15 7.13 -26.73
C LEU B 220 -10.49 7.98 -25.64
N LYS B 221 -9.58 8.87 -25.99
CA LYS B 221 -8.91 9.67 -24.96
C LYS B 221 -9.93 10.51 -24.18
N GLY B 222 -10.93 11.07 -24.88
CA GLY B 222 -11.96 11.87 -24.23
C GLY B 222 -12.83 11.01 -23.30
N VAL B 223 -13.13 9.78 -23.76
CA VAL B 223 -13.92 8.84 -22.99
C VAL B 223 -13.16 8.48 -21.71
N LEU B 224 -11.85 8.33 -21.83
CA LEU B 224 -11.02 7.91 -20.71
C LEU B 224 -10.90 9.05 -19.70
N HIS B 225 -10.84 10.31 -20.18
CA HIS B 225 -10.84 11.44 -19.27
C HIS B 225 -12.19 11.54 -18.54
N HIS B 226 -13.29 11.28 -19.25
CA HIS B 226 -14.63 11.39 -18.70
C HIS B 226 -14.80 10.39 -17.56
N ASN B 227 -14.34 9.16 -17.80
CA ASN B 227 -14.47 8.08 -16.84
C ASN B 227 -13.62 8.32 -15.60
N GLU B 228 -12.42 8.87 -15.82
CA GLU B 228 -11.53 9.31 -14.76
C GLU B 228 -12.24 10.34 -13.89
N MET B 229 -12.88 11.32 -14.53
CA MET B 229 -13.56 12.37 -13.78
C MET B 229 -14.74 11.74 -13.02
N ASP B 230 -15.43 10.77 -13.64
CA ASP B 230 -16.50 10.03 -13.00
C ASP B 230 -16.06 9.42 -11.65
N VAL B 231 -14.95 8.68 -11.62
CA VAL B 231 -14.59 7.94 -10.43
C VAL B 231 -14.15 8.90 -9.33
N LEU B 232 -13.48 10.00 -9.67
CA LEU B 232 -13.14 11.01 -8.69
C LEU B 232 -14.40 11.67 -8.11
N SER B 233 -15.41 11.96 -8.94
CA SER B 233 -16.65 12.55 -8.43
C SER B 233 -17.37 11.61 -7.45
N LEU B 234 -17.23 10.29 -7.63
CA LEU B 234 -17.79 9.33 -6.69
C LEU B 234 -17.17 9.50 -5.29
N ILE B 235 -15.89 9.89 -5.24
CA ILE B 235 -15.25 10.12 -3.95
C ILE B 235 -15.87 11.36 -3.30
N SER B 236 -15.97 12.43 -4.07
CA SER B 236 -16.54 13.68 -3.60
C SER B 236 -17.98 13.49 -3.18
N LEU B 237 -18.74 12.67 -3.93
CA LEU B 237 -20.15 12.43 -3.62
C LEU B 237 -20.31 11.60 -2.33
N TYR B 238 -19.47 10.56 -2.17
CA TYR B 238 -19.49 9.75 -0.97
C TYR B 238 -19.25 10.62 0.27
N ILE B 239 -18.27 11.52 0.20
CA ILE B 239 -17.95 12.42 1.28
C ILE B 239 -19.14 13.34 1.55
N HIS B 240 -19.68 13.94 0.50
CA HIS B 240 -20.81 14.86 0.61
C HIS B 240 -21.98 14.18 1.31
N MET B 241 -22.35 12.97 0.88
CA MET B 241 -23.53 12.29 1.40
C MET B 241 -23.29 11.81 2.81
N SER B 242 -22.07 11.33 3.09
CA SER B 242 -21.68 10.95 4.44
C SER B 242 -21.75 12.14 5.40
N LYS B 243 -21.27 13.32 5.01
CA LYS B 243 -21.25 14.46 5.92
C LYS B 243 -22.67 14.95 6.21
N LYS B 244 -23.57 14.87 5.23
CA LYS B 244 -24.97 15.21 5.43
C LYS B 244 -25.58 14.28 6.46
N ILE B 245 -25.25 13.00 6.37
CA ILE B 245 -25.79 11.96 7.23
C ILE B 245 -25.22 12.07 8.64
N LEU B 246 -23.92 12.30 8.77
CA LEU B 246 -23.25 12.22 10.05
C LEU B 246 -23.18 13.58 10.72
N SER B 247 -23.76 14.61 10.08
CA SER B 247 -24.06 15.86 10.77
C SER B 247 -25.27 15.64 11.68
#